data_2FVQ
#
_entry.id   2FVQ
#
_cell.length_a   55.121
_cell.length_b   145.869
_cell.length_c   46.793
_cell.angle_alpha   90.00
_cell.angle_beta   90.00
_cell.angle_gamma   90.00
#
_symmetry.space_group_name_H-M   'P 21 21 2'
#
loop_
_entity.id
_entity.type
_entity.pdbx_description
1 polymer "5'-D(*CP*TP*TP*TP*CP*AP*TP*TP*AP*AP*TP*GP*AP*AP*AP*G)-3'"
2 polymer 'reverse transcriptase'
3 water water
#
loop_
_entity_poly.entity_id
_entity_poly.type
_entity_poly.pdbx_seq_one_letter_code
_entity_poly.pdbx_strand_id
1 'polydeoxyribonucleotide' (DC)(DT)(DT)(DT)(DC)(DA)(DT)(DT)(DA)(DA)(DT)(DG)(DA)(DA)(DA)(DG) B
2 'polypeptide(L)'
;TWLSDFPQAWAETGGMGLAVRQAPLIIPLKATSTPVSIKQYPMSQEARLGIKPHIQRLLDQGILVPCQSPWNTPLLPVKK
PGTNDYRPVQDLREVNKRVEDIHPTVPNPYNLLSGLPPSHQWYTVLDLKDAFFCLRLHPTSQPLFAFEWRDPEMGISGQL
TWTRLPQGFKNSPTLFDEALHRDLADFRIQHPDLILLQYVDDLLLAATSELDCQQGTRALLQTLGNLGYRASAKKAQICQ
KQVKYLGYLLKEGQR
;
A
#
# COMPACT_ATOMS: atom_id res chain seq x y z
N THR B 1 12.70 6.51 22.31
CA THR B 1 13.14 6.37 20.89
C THR B 1 12.66 5.07 20.28
N TRP B 2 11.65 5.17 19.43
CA TRP B 2 11.10 3.99 18.78
C TRP B 2 11.84 3.78 17.46
N LEU B 3 12.18 4.90 16.84
CA LEU B 3 12.88 4.88 15.56
C LEU B 3 14.10 3.97 15.66
N SER B 4 14.64 3.85 16.87
CA SER B 4 15.82 3.03 17.10
C SER B 4 15.54 1.60 17.54
N ASP B 5 14.56 1.42 18.42
CA ASP B 5 14.22 0.09 18.93
C ASP B 5 13.60 -0.84 17.90
N PHE B 6 13.07 -0.27 16.80
CA PHE B 6 12.44 -1.08 15.76
C PHE B 6 12.89 -0.67 14.37
N PRO B 7 14.13 -1.03 14.01
CA PRO B 7 14.74 -0.72 12.72
C PRO B 7 13.93 -1.18 11.51
N GLN B 8 13.52 -2.45 11.53
CA GLN B 8 12.74 -3.05 10.45
C GLN B 8 11.35 -2.47 10.22
N ALA B 9 10.67 -2.11 11.29
CA ALA B 9 9.31 -1.59 11.22
C ALA B 9 9.10 -0.23 10.54
N TRP B 10 10.11 0.63 10.55
CA TRP B 10 9.95 1.95 9.96
C TRP B 10 10.46 2.04 8.53
N ALA B 11 9.68 2.68 7.67
CA ALA B 11 10.04 2.85 6.27
C ALA B 11 11.37 3.59 6.17
N GLU B 12 11.58 4.53 7.10
CA GLU B 12 12.79 5.33 7.13
C GLU B 12 14.05 4.53 7.48
N THR B 13 13.89 3.36 8.09
CA THR B 13 15.06 2.57 8.45
C THR B 13 15.11 1.16 7.86
N GLY B 14 13.94 0.53 7.72
CA GLY B 14 13.90 -0.82 7.20
C GLY B 14 13.92 -0.98 5.70
N GLY B 15 13.81 0.12 4.96
CA GLY B 15 13.80 0.02 3.50
C GLY B 15 12.45 -0.43 2.98
N MET B 16 12.31 -0.49 1.66
CA MET B 16 11.06 -0.92 1.03
C MET B 16 10.59 -2.26 1.61
N GLY B 17 9.30 -2.36 1.86
CA GLY B 17 8.74 -3.59 2.42
C GLY B 17 8.54 -4.70 1.40
N LEU B 18 8.20 -5.88 1.91
CA LEU B 18 7.94 -7.08 1.12
C LEU B 18 7.30 -8.10 2.06
N ALA B 19 6.02 -8.39 1.86
CA ALA B 19 5.28 -9.34 2.70
C ALA B 19 5.71 -10.75 2.39
N VAL B 20 6.76 -11.21 3.08
CA VAL B 20 7.35 -12.53 2.90
C VAL B 20 6.45 -13.75 3.12
N ARG B 21 5.40 -13.60 3.91
CA ARG B 21 4.50 -14.73 4.18
C ARG B 21 3.39 -14.81 3.13
N GLN B 22 3.28 -13.79 2.29
CA GLN B 22 2.22 -13.79 1.28
C GLN B 22 2.64 -14.31 -0.09
N ALA B 23 1.95 -15.33 -0.55
CA ALA B 23 2.23 -15.90 -1.85
C ALA B 23 2.01 -14.83 -2.93
N PRO B 24 2.84 -14.81 -3.97
CA PRO B 24 2.67 -13.82 -5.03
C PRO B 24 1.23 -13.91 -5.54
N LEU B 25 0.59 -12.77 -5.73
CA LEU B 25 -0.81 -12.74 -6.17
C LEU B 25 -1.10 -13.07 -7.63
N ILE B 26 -2.12 -13.89 -7.85
CA ILE B 26 -2.56 -14.24 -9.20
C ILE B 26 -3.89 -13.49 -9.38
N ILE B 27 -3.99 -12.74 -10.48
CA ILE B 27 -5.19 -11.94 -10.76
C ILE B 27 -6.07 -12.59 -11.80
N PRO B 28 -7.21 -13.15 -11.38
CA PRO B 28 -8.11 -13.81 -12.33
C PRO B 28 -8.84 -12.86 -13.26
N LEU B 29 -8.87 -13.19 -14.54
CA LEU B 29 -9.54 -12.37 -15.54
C LEU B 29 -10.96 -12.88 -15.72
N LYS B 30 -11.84 -12.02 -16.26
CA LYS B 30 -13.22 -12.43 -16.52
C LYS B 30 -13.13 -13.48 -17.62
N ALA B 31 -14.13 -14.35 -17.68
CA ALA B 31 -14.20 -15.44 -18.65
C ALA B 31 -13.96 -15.08 -20.12
N THR B 32 -14.44 -13.91 -20.53
CA THR B 32 -14.30 -13.47 -21.91
C THR B 32 -13.17 -12.47 -22.18
N SER B 33 -12.44 -12.07 -21.15
CA SER B 33 -11.38 -11.10 -21.34
C SER B 33 -10.27 -11.48 -22.31
N THR B 34 -9.86 -10.49 -23.08
CA THR B 34 -8.76 -10.63 -24.04
C THR B 34 -7.93 -9.37 -23.80
N PRO B 35 -6.62 -9.43 -24.05
CA PRO B 35 -5.71 -8.29 -23.86
C PRO B 35 -6.07 -7.01 -24.62
N VAL B 36 -5.90 -5.88 -23.96
CA VAL B 36 -6.17 -4.58 -24.55
C VAL B 36 -4.87 -3.79 -24.48
N SER B 37 -4.48 -3.15 -25.59
CA SER B 37 -3.24 -2.37 -25.67
C SER B 37 -3.51 -0.92 -26.04
N ILE B 38 -3.67 -0.08 -25.02
CA ILE B 38 -3.94 1.34 -25.22
C ILE B 38 -2.64 2.08 -25.45
N LYS B 39 -2.60 2.90 -26.49
CA LYS B 39 -1.39 3.66 -26.82
C LYS B 39 -1.06 4.73 -25.79
N GLN B 40 0.22 4.97 -25.60
CA GLN B 40 0.67 5.99 -24.66
C GLN B 40 0.53 7.37 -25.32
N TYR B 41 -0.17 8.28 -24.63
CA TYR B 41 -0.35 9.63 -25.16
C TYR B 41 1.01 10.30 -25.08
N PRO B 42 1.38 11.07 -26.12
CA PRO B 42 2.67 11.76 -26.14
C PRO B 42 2.88 12.53 -24.85
N MET B 43 4.08 12.46 -24.31
CA MET B 43 4.40 13.14 -23.06
C MET B 43 5.43 14.23 -23.26
N SER B 44 5.15 15.41 -22.72
CA SER B 44 6.07 16.55 -22.83
C SER B 44 7.36 16.21 -22.09
N GLN B 45 8.47 16.78 -22.52
CA GLN B 45 9.74 16.51 -21.86
C GLN B 45 9.64 16.86 -20.37
N GLU B 46 8.99 17.97 -20.04
CA GLU B 46 8.86 18.37 -18.64
C GLU B 46 8.21 17.26 -17.82
N ALA B 47 7.06 16.77 -18.30
CA ALA B 47 6.34 15.70 -17.62
C ALA B 47 7.25 14.50 -17.47
N ARG B 48 7.89 14.11 -18.56
CA ARG B 48 8.79 12.97 -18.57
C ARG B 48 9.95 13.12 -17.58
N LEU B 49 10.56 14.30 -17.55
CA LEU B 49 11.67 14.54 -16.63
C LEU B 49 11.24 14.48 -15.17
N GLY B 50 10.03 14.98 -14.90
CA GLY B 50 9.53 14.98 -13.54
C GLY B 50 9.23 13.57 -13.06
N ILE B 51 8.81 12.73 -14.00
CA ILE B 51 8.46 11.33 -13.72
C ILE B 51 9.66 10.38 -13.65
N LYS B 52 10.63 10.60 -14.54
CA LYS B 52 11.81 9.77 -14.62
C LYS B 52 12.41 9.25 -13.31
N PRO B 53 12.70 10.15 -12.34
CA PRO B 53 13.28 9.74 -11.06
C PRO B 53 12.47 8.68 -10.31
N HIS B 54 11.14 8.83 -10.30
CA HIS B 54 10.30 7.85 -9.63
C HIS B 54 10.43 6.49 -10.34
N ILE B 55 10.41 6.51 -11.66
CA ILE B 55 10.53 5.28 -12.43
C ILE B 55 11.87 4.61 -12.21
N GLN B 56 12.94 5.41 -12.14
CA GLN B 56 14.27 4.83 -11.94
C GLN B 56 14.35 4.19 -10.56
N ARG B 57 13.80 4.85 -9.56
CA ARG B 57 13.81 4.32 -8.21
C ARG B 57 13.07 2.98 -8.12
N LEU B 58 11.91 2.91 -8.76
CA LEU B 58 11.10 1.69 -8.76
C LEU B 58 11.87 0.58 -9.46
N LEU B 59 12.56 0.90 -10.54
CA LEU B 59 13.35 -0.10 -11.25
C LEU B 59 14.48 -0.57 -10.35
N ASP B 60 15.12 0.38 -9.67
CA ASP B 60 16.21 0.06 -8.76
C ASP B 60 15.71 -0.85 -7.65
N GLN B 61 14.49 -0.58 -7.17
CA GLN B 61 13.88 -1.35 -6.11
C GLN B 61 13.28 -2.66 -6.62
N GLY B 62 13.29 -2.85 -7.94
CA GLY B 62 12.74 -4.07 -8.52
C GLY B 62 11.22 -4.11 -8.49
N ILE B 63 10.59 -2.97 -8.26
CA ILE B 63 9.15 -2.89 -8.23
C ILE B 63 8.62 -2.80 -9.67
N LEU B 64 9.49 -2.35 -10.58
CA LEU B 64 9.18 -2.27 -12.00
C LEU B 64 10.26 -3.09 -12.72
N VAL B 65 9.87 -3.85 -13.73
CA VAL B 65 10.81 -4.64 -14.51
C VAL B 65 10.46 -4.50 -15.98
N PRO B 66 11.47 -4.59 -16.85
CA PRO B 66 11.20 -4.46 -18.28
C PRO B 66 10.35 -5.65 -18.69
N CYS B 67 9.56 -5.48 -19.73
CA CYS B 67 8.74 -6.59 -20.20
C CYS B 67 8.21 -6.29 -21.59
N GLN B 68 7.64 -7.31 -22.21
CA GLN B 68 7.07 -7.26 -23.53
C GLN B 68 5.70 -7.92 -23.28
N SER B 69 4.63 -7.16 -23.45
CA SER B 69 3.31 -7.69 -23.16
C SER B 69 2.21 -7.17 -24.06
N PRO B 70 1.22 -8.02 -24.37
CA PRO B 70 0.08 -7.67 -25.22
C PRO B 70 -0.82 -6.65 -24.53
N TRP B 71 -0.62 -6.47 -23.22
CA TRP B 71 -1.41 -5.50 -22.47
C TRP B 71 -0.64 -4.19 -22.40
N ASN B 72 -1.37 -3.07 -22.41
CA ASN B 72 -0.73 -1.79 -22.25
C ASN B 72 -1.74 -0.70 -21.91
N THR B 73 -1.43 0.08 -20.87
CA THR B 73 -2.29 1.17 -20.47
C THR B 73 -1.48 2.45 -20.40
N PRO B 74 -2.15 3.60 -20.56
CA PRO B 74 -1.47 4.90 -20.52
C PRO B 74 -0.99 5.33 -19.15
N LEU B 75 0.16 5.99 -19.17
CA LEU B 75 0.76 6.54 -17.98
C LEU B 75 0.35 8.02 -18.05
N LEU B 76 -0.01 8.60 -16.92
CA LEU B 76 -0.42 10.00 -16.90
C LEU B 76 0.49 10.92 -16.08
N PRO B 77 0.82 12.09 -16.65
CA PRO B 77 1.68 13.10 -16.01
C PRO B 77 0.83 13.92 -15.01
N VAL B 78 0.90 13.56 -13.73
CA VAL B 78 0.13 14.28 -12.71
C VAL B 78 0.98 14.99 -11.67
N LYS B 79 0.77 16.31 -11.57
CA LYS B 79 1.51 17.12 -10.61
C LYS B 79 0.53 17.77 -9.63
N LYS B 80 0.76 17.58 -8.34
CA LYS B 80 -0.12 18.17 -7.34
C LYS B 80 0.07 19.69 -7.20
N PRO B 81 1.33 20.15 -7.15
CA PRO B 81 1.60 21.58 -7.01
C PRO B 81 1.03 22.41 -8.16
N GLY B 82 1.43 23.67 -8.25
CA GLY B 82 0.95 24.54 -9.30
C GLY B 82 1.43 24.08 -10.67
N THR B 83 2.64 23.54 -10.70
CA THR B 83 3.22 23.06 -11.96
C THR B 83 4.53 22.31 -11.70
N ASN B 84 4.81 22.02 -10.43
CA ASN B 84 6.03 21.33 -10.05
C ASN B 84 5.85 19.86 -9.67
N ASP B 85 6.98 19.20 -9.44
CA ASP B 85 7.05 17.79 -9.06
C ASP B 85 5.90 16.91 -9.54
N TYR B 86 6.16 16.17 -10.61
CA TYR B 86 5.18 15.25 -11.18
C TYR B 86 5.28 13.91 -10.47
N ARG B 87 4.37 13.00 -10.83
CA ARG B 87 4.34 11.67 -10.26
C ARG B 87 3.58 10.82 -11.27
N PRO B 88 4.02 9.59 -11.51
CA PRO B 88 3.33 8.74 -12.48
C PRO B 88 1.98 8.21 -11.98
N VAL B 89 0.95 8.38 -12.79
CA VAL B 89 -0.37 7.87 -12.49
C VAL B 89 -0.86 7.08 -13.69
N GLN B 90 -1.02 5.78 -13.50
CA GLN B 90 -1.46 4.87 -14.55
C GLN B 90 -2.99 4.75 -14.63
N ASP B 91 -3.52 4.84 -15.84
CA ASP B 91 -4.95 4.70 -16.05
C ASP B 91 -5.23 3.22 -16.32
N LEU B 92 -5.60 2.48 -15.28
CA LEU B 92 -5.88 1.06 -15.38
C LEU B 92 -7.36 0.70 -15.56
N ARG B 93 -8.17 1.67 -15.97
CA ARG B 93 -9.58 1.39 -16.15
C ARG B 93 -9.91 0.29 -17.14
N GLU B 94 -9.17 0.21 -18.24
CA GLU B 94 -9.44 -0.84 -19.22
C GLU B 94 -9.04 -2.23 -18.70
N VAL B 95 -8.02 -2.27 -17.85
CA VAL B 95 -7.58 -3.54 -17.26
C VAL B 95 -8.61 -3.91 -16.17
N ASN B 96 -8.99 -2.93 -15.34
CA ASN B 96 -9.97 -3.16 -14.28
C ASN B 96 -11.25 -3.80 -14.84
N LYS B 97 -11.73 -3.28 -15.97
CA LYS B 97 -12.94 -3.79 -16.60
C LYS B 97 -12.81 -5.27 -17.02
N ARG B 98 -11.57 -5.72 -17.23
CA ARG B 98 -11.35 -7.11 -17.65
C ARG B 98 -10.97 -8.08 -16.53
N VAL B 99 -10.80 -7.56 -15.32
CA VAL B 99 -10.46 -8.39 -14.18
C VAL B 99 -11.75 -8.81 -13.46
N GLU B 100 -11.83 -10.09 -13.11
CA GLU B 100 -13.01 -10.61 -12.44
C GLU B 100 -13.17 -9.87 -11.11
N ASP B 101 -14.40 -9.47 -10.80
CA ASP B 101 -14.68 -8.75 -9.56
C ASP B 101 -14.57 -9.67 -8.35
N ILE B 102 -14.26 -9.08 -7.21
CA ILE B 102 -14.20 -9.83 -5.96
C ILE B 102 -15.09 -9.05 -5.01
N HIS B 103 -15.49 -9.69 -3.91
CA HIS B 103 -16.35 -9.02 -2.95
C HIS B 103 -15.58 -7.98 -2.15
N PRO B 104 -16.11 -6.75 -2.10
CA PRO B 104 -15.48 -5.64 -1.37
C PRO B 104 -15.58 -5.95 0.12
N THR B 105 -14.46 -6.33 0.74
CA THR B 105 -14.50 -6.64 2.16
C THR B 105 -14.01 -5.52 3.07
N VAL B 106 -13.37 -4.49 2.51
CA VAL B 106 -12.91 -3.39 3.37
C VAL B 106 -14.12 -2.69 3.97
N PRO B 107 -14.22 -2.67 5.30
CA PRO B 107 -15.35 -2.02 5.99
C PRO B 107 -15.29 -0.50 5.89
N ASN B 108 -16.45 0.17 5.87
CA ASN B 108 -16.42 1.63 5.81
C ASN B 108 -15.95 2.10 7.19
N PRO B 109 -15.21 3.22 7.23
CA PRO B 109 -14.70 3.76 8.48
C PRO B 109 -15.72 3.82 9.62
N TYR B 110 -16.88 4.43 9.37
CA TYR B 110 -17.90 4.54 10.41
C TYR B 110 -18.13 3.21 11.14
N ASN B 111 -18.39 2.15 10.38
CA ASN B 111 -18.61 0.85 11.00
C ASN B 111 -17.36 0.32 11.69
N LEU B 112 -16.19 0.53 11.09
CA LEU B 112 -14.94 0.08 11.68
C LEU B 112 -14.74 0.70 13.07
N LEU B 113 -15.06 1.99 13.20
CA LEU B 113 -14.91 2.66 14.48
C LEU B 113 -15.91 2.20 15.54
N SER B 114 -17.12 1.87 15.13
CA SER B 114 -18.14 1.42 16.08
C SER B 114 -17.55 0.33 16.99
N GLY B 115 -16.71 -0.51 16.40
CA GLY B 115 -16.08 -1.56 17.17
C GLY B 115 -14.99 -1.06 18.10
N LEU B 116 -15.18 0.13 18.66
CA LEU B 116 -14.19 0.70 19.57
C LEU B 116 -14.82 1.02 20.93
N PRO B 117 -14.54 0.18 21.95
CA PRO B 117 -15.05 0.34 23.31
C PRO B 117 -14.52 1.59 24.01
N PRO B 118 -15.32 2.17 24.91
CA PRO B 118 -14.90 3.38 25.63
C PRO B 118 -13.77 3.08 26.62
N SER B 119 -13.63 1.79 26.96
CA SER B 119 -12.62 1.32 27.89
C SER B 119 -11.18 1.57 27.42
N HIS B 120 -10.90 1.23 26.17
CA HIS B 120 -9.56 1.41 25.63
C HIS B 120 -9.40 2.84 25.13
N GLN B 121 -8.60 3.63 25.82
CA GLN B 121 -8.41 5.02 25.43
C GLN B 121 -6.97 5.42 25.13
N TRP B 122 -6.07 4.44 25.12
CA TRP B 122 -4.68 4.71 24.78
C TRP B 122 -4.48 4.23 23.36
N TYR B 123 -4.31 5.17 22.45
CA TYR B 123 -4.18 4.88 21.03
C TYR B 123 -2.82 5.02 20.38
N THR B 124 -2.64 4.25 19.33
CA THR B 124 -1.44 4.26 18.51
C THR B 124 -1.96 4.13 17.09
N VAL B 125 -1.57 5.07 16.23
CA VAL B 125 -2.00 5.04 14.86
C VAL B 125 -0.76 4.85 14.00
N LEU B 126 -0.86 3.95 13.03
CA LEU B 126 0.24 3.67 12.14
C LEU B 126 -0.23 3.73 10.69
N ASP B 127 0.61 4.28 9.83
CA ASP B 127 0.32 4.40 8.43
C ASP B 127 1.38 3.55 7.75
N LEU B 128 0.96 2.47 7.10
CA LEU B 128 1.91 1.61 6.43
C LEU B 128 2.35 2.30 5.15
N LYS B 129 3.66 2.30 4.92
CA LYS B 129 4.23 2.97 3.76
C LYS B 129 4.28 2.05 2.55
N ASP B 130 3.78 2.54 1.42
CA ASP B 130 3.77 1.75 0.19
C ASP B 130 3.22 0.34 0.45
N ALA B 131 2.04 0.30 1.07
CA ALA B 131 1.38 -0.95 1.40
C ALA B 131 1.24 -1.87 0.19
N PHE B 132 0.57 -1.40 -0.87
CA PHE B 132 0.38 -2.24 -2.07
C PHE B 132 1.66 -2.85 -2.59
N PHE B 133 2.72 -2.04 -2.69
CA PHE B 133 4.00 -2.53 -3.19
C PHE B 133 4.59 -3.66 -2.34
N CYS B 134 4.08 -3.84 -1.12
CA CYS B 134 4.59 -4.92 -0.27
C CYS B 134 4.09 -6.29 -0.74
N LEU B 135 3.00 -6.32 -1.50
CA LEU B 135 2.47 -7.60 -1.97
C LEU B 135 3.00 -7.98 -3.35
N ARG B 136 3.69 -9.10 -3.44
CA ARG B 136 4.22 -9.53 -4.73
C ARG B 136 3.12 -9.93 -5.70
N LEU B 137 3.42 -9.78 -6.98
CA LEU B 137 2.50 -10.19 -8.04
C LEU B 137 3.09 -11.42 -8.70
N HIS B 138 2.29 -12.45 -8.85
CA HIS B 138 2.75 -13.66 -9.51
C HIS B 138 3.18 -13.29 -10.94
N PRO B 139 4.29 -13.86 -11.42
CA PRO B 139 4.79 -13.58 -12.77
C PRO B 139 3.72 -13.65 -13.85
N THR B 140 2.77 -14.57 -13.69
CA THR B 140 1.68 -14.74 -14.67
C THR B 140 0.75 -13.52 -14.71
N SER B 141 0.59 -12.85 -13.59
CA SER B 141 -0.30 -11.69 -13.54
C SER B 141 0.42 -10.37 -13.78
N GLN B 142 1.74 -10.41 -13.87
CA GLN B 142 2.51 -9.19 -14.08
C GLN B 142 2.33 -8.50 -15.45
N PRO B 143 2.32 -9.25 -16.56
CA PRO B 143 2.16 -8.62 -17.89
C PRO B 143 0.90 -7.75 -18.03
N LEU B 144 -0.11 -8.09 -17.23
CA LEU B 144 -1.39 -7.40 -17.26
C LEU B 144 -1.31 -5.89 -17.01
N PHE B 145 -0.34 -5.46 -16.20
CA PHE B 145 -0.22 -4.06 -15.85
C PHE B 145 0.88 -3.26 -16.56
N ALA B 146 1.29 -3.73 -17.73
CA ALA B 146 2.35 -3.06 -18.47
C ALA B 146 1.96 -1.68 -19.01
N PHE B 147 2.99 -0.85 -19.19
CA PHE B 147 2.83 0.49 -19.73
C PHE B 147 4.12 0.82 -20.45
N GLU B 148 4.06 1.82 -21.32
CA GLU B 148 5.23 2.20 -22.09
C GLU B 148 6.09 3.25 -21.38
N TRP B 149 7.40 3.06 -21.46
CA TRP B 149 8.28 4.03 -20.86
C TRP B 149 9.34 4.41 -21.88
N ARG B 150 9.32 5.68 -22.28
CA ARG B 150 10.29 6.19 -23.25
C ARG B 150 11.36 7.01 -22.55
N ASP B 151 12.59 6.82 -22.99
CA ASP B 151 13.74 7.55 -22.47
C ASP B 151 14.57 7.86 -23.70
N PRO B 152 14.11 8.84 -24.51
CA PRO B 152 14.74 9.30 -25.75
C PRO B 152 16.15 8.77 -26.04
N GLU B 153 17.15 9.64 -25.86
CA GLU B 153 18.55 9.29 -26.12
C GLU B 153 18.88 7.81 -25.91
N MET B 154 18.52 7.26 -24.76
CA MET B 154 18.78 5.85 -24.47
C MET B 154 18.30 5.45 -23.08
N GLY B 155 17.54 4.37 -23.02
CA GLY B 155 17.02 3.89 -21.74
C GLY B 155 16.39 2.51 -21.85
N ILE B 156 15.09 2.45 -21.60
CA ILE B 156 14.35 1.19 -21.67
C ILE B 156 13.94 0.91 -23.12
N SER B 157 13.77 -0.37 -23.44
CA SER B 157 13.39 -0.79 -24.78
C SER B 157 11.97 -0.34 -25.13
N GLY B 158 11.07 -0.38 -24.15
CA GLY B 158 9.70 0.03 -24.41
C GLY B 158 8.74 -0.12 -23.25
N GLN B 159 8.41 -1.36 -22.91
CA GLN B 159 7.45 -1.61 -21.83
C GLN B 159 8.04 -1.97 -20.48
N LEU B 160 7.34 -1.58 -19.44
CA LEU B 160 7.73 -1.90 -18.07
C LEU B 160 6.44 -2.38 -17.42
N THR B 161 6.55 -3.20 -16.37
CA THR B 161 5.37 -3.61 -15.65
C THR B 161 5.73 -3.87 -14.19
N TRP B 162 4.70 -4.01 -13.36
CA TRP B 162 4.87 -4.18 -11.91
C TRP B 162 5.07 -5.61 -11.44
N THR B 163 5.86 -5.77 -10.37
CA THR B 163 6.08 -7.10 -9.78
C THR B 163 5.36 -7.09 -8.45
N ARG B 164 4.67 -5.99 -8.17
CA ARG B 164 3.93 -5.83 -6.94
C ARG B 164 2.52 -5.34 -7.25
N LEU B 165 1.64 -5.41 -6.26
CA LEU B 165 0.26 -4.96 -6.39
C LEU B 165 0.36 -3.46 -6.72
N PRO B 166 -0.26 -3.03 -7.83
CA PRO B 166 -0.15 -1.60 -8.16
C PRO B 166 -1.28 -0.66 -7.80
N GLN B 167 -0.96 0.63 -7.84
CA GLN B 167 -1.94 1.68 -7.59
C GLN B 167 -2.83 1.66 -8.82
N GLY B 168 -4.07 2.09 -8.68
CA GLY B 168 -4.96 2.11 -9.83
C GLY B 168 -5.74 0.82 -10.14
N PHE B 169 -5.32 -0.29 -9.55
CA PHE B 169 -6.00 -1.56 -9.77
C PHE B 169 -7.17 -1.63 -8.80
N LYS B 170 -8.39 -1.75 -9.33
CA LYS B 170 -9.60 -1.76 -8.52
C LYS B 170 -9.60 -2.69 -7.31
N ASN B 171 -8.91 -3.83 -7.39
CA ASN B 171 -8.90 -4.78 -6.28
C ASN B 171 -7.76 -4.64 -5.27
N SER B 172 -6.87 -3.67 -5.48
CA SER B 172 -5.75 -3.53 -4.57
C SER B 172 -6.13 -3.31 -3.10
N PRO B 173 -7.04 -2.37 -2.82
CA PRO B 173 -7.43 -2.13 -1.42
C PRO B 173 -7.90 -3.39 -0.70
N THR B 174 -8.82 -4.11 -1.34
CA THR B 174 -9.37 -5.33 -0.77
C THR B 174 -8.34 -6.43 -0.61
N LEU B 175 -7.50 -6.61 -1.63
CA LEU B 175 -6.47 -7.65 -1.56
C LEU B 175 -5.47 -7.36 -0.47
N PHE B 176 -5.07 -6.10 -0.36
CA PHE B 176 -4.13 -5.73 0.69
C PHE B 176 -4.75 -5.91 2.06
N ASP B 177 -5.99 -5.43 2.23
CA ASP B 177 -6.65 -5.52 3.53
C ASP B 177 -6.75 -6.97 4.01
N GLU B 178 -7.16 -7.87 3.12
CA GLU B 178 -7.30 -9.29 3.46
C GLU B 178 -5.95 -9.93 3.77
N ALA B 179 -4.92 -9.55 3.00
CA ALA B 179 -3.58 -10.10 3.21
C ALA B 179 -3.02 -9.72 4.58
N LEU B 180 -3.18 -8.45 4.95
CA LEU B 180 -2.68 -7.98 6.24
C LEU B 180 -3.48 -8.61 7.38
N HIS B 181 -4.76 -8.85 7.14
CA HIS B 181 -5.60 -9.48 8.15
C HIS B 181 -5.06 -10.88 8.43
N ARG B 182 -4.63 -11.58 7.37
CA ARG B 182 -4.10 -12.94 7.51
C ARG B 182 -2.78 -12.91 8.28
N ASP B 183 -1.93 -11.93 7.96
CA ASP B 183 -0.64 -11.81 8.62
C ASP B 183 -0.74 -11.39 10.08
N LEU B 184 -1.80 -10.68 10.44
CA LEU B 184 -1.96 -10.21 11.81
C LEU B 184 -2.93 -11.04 12.66
N ALA B 185 -3.45 -12.12 12.09
CA ALA B 185 -4.37 -12.98 12.82
C ALA B 185 -3.77 -13.47 14.14
N ASP B 186 -2.56 -14.00 14.07
CA ASP B 186 -1.87 -14.50 15.26
C ASP B 186 -1.69 -13.41 16.31
N PHE B 187 -1.23 -12.23 15.88
CA PHE B 187 -1.01 -11.11 16.78
C PHE B 187 -2.29 -10.77 17.54
N ARG B 188 -3.43 -10.82 16.86
CA ARG B 188 -4.69 -10.54 17.52
C ARG B 188 -4.93 -11.58 18.61
N ILE B 189 -4.54 -12.82 18.34
CA ILE B 189 -4.70 -13.90 19.28
C ILE B 189 -3.79 -13.79 20.50
N GLN B 190 -2.55 -13.35 20.29
CA GLN B 190 -1.61 -13.22 21.40
C GLN B 190 -1.87 -11.96 22.24
N HIS B 191 -2.75 -11.09 21.75
CA HIS B 191 -3.08 -9.85 22.45
C HIS B 191 -4.59 -9.67 22.48
N PRO B 192 -5.30 -10.56 23.17
CA PRO B 192 -6.76 -10.59 23.33
C PRO B 192 -7.37 -9.28 23.83
N ASP B 193 -6.67 -8.63 24.77
CA ASP B 193 -7.16 -7.41 25.37
C ASP B 193 -6.98 -6.16 24.50
N LEU B 194 -6.13 -6.24 23.48
CA LEU B 194 -5.92 -5.11 22.60
C LEU B 194 -7.00 -5.04 21.53
N ILE B 195 -7.18 -3.84 20.97
CA ILE B 195 -8.16 -3.65 19.92
C ILE B 195 -7.46 -3.07 18.70
N LEU B 196 -7.43 -3.87 17.64
CA LEU B 196 -6.78 -3.45 16.41
C LEU B 196 -7.78 -3.22 15.29
N LEU B 197 -7.75 -2.02 14.74
CA LEU B 197 -8.62 -1.68 13.62
C LEU B 197 -7.75 -1.61 12.37
N GLN B 198 -8.22 -2.23 11.29
CA GLN B 198 -7.48 -2.20 10.04
C GLN B 198 -8.34 -1.60 8.95
N TYR B 199 -7.80 -0.59 8.30
CA TYR B 199 -8.47 0.03 7.18
C TYR B 199 -7.36 0.12 6.14
N VAL B 200 -7.23 -0.94 5.34
CA VAL B 200 -6.21 -1.06 4.32
C VAL B 200 -4.85 -0.81 4.98
N ASP B 201 -4.24 0.34 4.69
CA ASP B 201 -2.94 0.65 5.29
C ASP B 201 -2.99 1.55 6.51
N ASP B 202 -4.20 1.86 7.00
CA ASP B 202 -4.32 2.70 8.18
C ASP B 202 -4.71 1.86 9.39
N LEU B 203 -3.77 1.75 10.32
CA LEU B 203 -3.94 0.95 11.54
C LEU B 203 -4.12 1.75 12.83
N LEU B 204 -5.00 1.26 13.69
CA LEU B 204 -5.29 1.87 14.98
C LEU B 204 -5.24 0.81 16.08
N LEU B 205 -4.28 0.95 16.98
CA LEU B 205 -4.14 0.03 18.10
C LEU B 205 -4.73 0.73 19.32
N ALA B 206 -5.65 0.07 20.02
CA ALA B 206 -6.27 0.65 21.20
C ALA B 206 -6.11 -0.24 22.42
N ALA B 207 -5.56 0.32 23.50
CA ALA B 207 -5.34 -0.39 24.74
C ALA B 207 -6.07 0.27 25.90
N THR B 208 -6.14 -0.42 27.04
CA THR B 208 -6.82 0.11 28.22
C THR B 208 -5.94 1.09 28.98
N SER B 209 -4.65 0.78 29.11
CA SER B 209 -3.70 1.62 29.82
C SER B 209 -2.53 2.04 28.94
N GLU B 210 -1.77 3.03 29.41
CA GLU B 210 -0.62 3.52 28.68
C GLU B 210 0.46 2.45 28.59
N LEU B 211 0.55 1.61 29.61
CA LEU B 211 1.54 0.55 29.63
C LEU B 211 1.23 -0.53 28.58
N ASP B 212 -0.04 -0.90 28.49
CA ASP B 212 -0.45 -1.91 27.52
C ASP B 212 -0.23 -1.38 26.13
N CYS B 213 -0.49 -0.09 25.94
CA CYS B 213 -0.30 0.54 24.65
C CYS B 213 1.19 0.53 24.32
N GLN B 214 2.03 0.79 25.32
CA GLN B 214 3.47 0.80 25.12
C GLN B 214 3.91 -0.55 24.57
N GLN B 215 3.65 -1.60 25.34
CA GLN B 215 4.03 -2.95 24.97
C GLN B 215 3.21 -3.45 23.78
N GLY B 216 1.99 -2.97 23.67
CA GLY B 216 1.16 -3.38 22.55
C GLY B 216 1.79 -2.87 21.27
N THR B 217 2.16 -1.59 21.28
CA THR B 217 2.76 -0.96 20.11
C THR B 217 4.11 -1.57 19.75
N ARG B 218 4.89 -1.94 20.75
CA ARG B 218 6.19 -2.56 20.53
C ARG B 218 6.02 -3.90 19.82
N ALA B 219 5.05 -4.69 20.27
CA ALA B 219 4.78 -6.00 19.70
C ALA B 219 4.24 -5.90 18.27
N LEU B 220 3.40 -4.89 18.02
CA LEU B 220 2.83 -4.70 16.70
C LEU B 220 3.91 -4.30 15.71
N LEU B 221 4.65 -3.24 16.05
CA LEU B 221 5.73 -2.77 15.19
C LEU B 221 6.67 -3.93 14.95
N GLN B 222 6.98 -4.66 16.01
CA GLN B 222 7.87 -5.79 15.90
C GLN B 222 7.33 -6.79 14.86
N THR B 223 6.07 -7.16 15.01
CA THR B 223 5.44 -8.11 14.10
C THR B 223 5.43 -7.59 12.66
N LEU B 224 4.93 -6.36 12.46
CA LEU B 224 4.86 -5.74 11.14
C LEU B 224 6.21 -5.78 10.44
N GLY B 225 7.25 -5.39 11.17
CA GLY B 225 8.60 -5.38 10.62
C GLY B 225 9.06 -6.77 10.22
N ASN B 226 8.74 -7.76 11.04
CA ASN B 226 9.14 -9.12 10.72
C ASN B 226 8.36 -9.70 9.55
N LEU B 227 7.13 -9.21 9.35
CA LEU B 227 6.29 -9.69 8.25
C LEU B 227 6.68 -9.02 6.94
N GLY B 228 7.44 -7.93 7.01
CA GLY B 228 7.84 -7.25 5.80
C GLY B 228 7.08 -5.96 5.48
N TYR B 229 6.28 -5.48 6.43
CA TYR B 229 5.55 -4.24 6.22
C TYR B 229 6.38 -3.11 6.84
N ARG B 230 6.06 -1.86 6.50
CA ARG B 230 6.78 -0.70 7.02
C ARG B 230 5.81 0.43 7.35
N ALA B 231 5.92 0.92 8.58
CA ALA B 231 5.09 2.00 9.06
C ALA B 231 5.86 3.32 8.90
N SER B 232 5.13 4.42 8.73
CA SER B 232 5.74 5.74 8.58
C SER B 232 6.16 6.31 9.93
N ALA B 233 7.46 6.44 10.14
CA ALA B 233 7.97 6.97 11.40
C ALA B 233 7.51 8.42 11.60
N LYS B 234 7.50 9.19 10.51
CA LYS B 234 7.08 10.58 10.57
C LYS B 234 5.62 10.79 10.97
N LYS B 235 4.71 10.03 10.36
CA LYS B 235 3.28 10.16 10.66
C LYS B 235 2.82 9.46 11.94
N ALA B 236 3.61 8.50 12.41
CA ALA B 236 3.24 7.74 13.60
C ALA B 236 2.77 8.57 14.78
N GLN B 237 1.65 8.14 15.37
CA GLN B 237 1.05 8.78 16.53
C GLN B 237 1.10 7.71 17.63
N ILE B 238 2.10 7.80 18.48
CA ILE B 238 2.28 6.81 19.54
C ILE B 238 1.63 7.10 20.89
N CYS B 239 1.08 6.05 21.49
CA CYS B 239 0.42 6.07 22.80
C CYS B 239 -0.15 7.40 23.25
N GLN B 240 -0.84 8.09 22.35
CA GLN B 240 -1.48 9.35 22.66
C GLN B 240 -2.88 9.01 23.13
N LYS B 241 -3.50 9.89 23.90
CA LYS B 241 -4.86 9.65 24.37
C LYS B 241 -5.79 10.35 23.39
N GLN B 242 -5.17 11.03 22.43
CA GLN B 242 -5.89 11.76 21.41
C GLN B 242 -5.12 11.54 20.11
N VAL B 243 -5.83 11.12 19.06
CA VAL B 243 -5.18 10.90 17.77
C VAL B 243 -6.11 11.13 16.61
N LYS B 244 -5.52 11.29 15.43
CA LYS B 244 -6.27 11.49 14.20
C LYS B 244 -6.31 10.16 13.46
N TYR B 245 -7.50 9.71 13.10
CA TYR B 245 -7.63 8.44 12.40
C TYR B 245 -8.82 8.44 11.44
N LEU B 246 -8.55 8.17 10.17
CA LEU B 246 -9.58 8.09 9.14
C LEU B 246 -10.43 9.35 9.05
N GLY B 247 -9.79 10.51 9.23
CA GLY B 247 -10.52 11.76 9.16
C GLY B 247 -11.35 12.07 10.40
N TYR B 248 -11.05 11.38 11.49
CA TYR B 248 -11.77 11.59 12.75
C TYR B 248 -10.79 12.01 13.82
N LEU B 249 -11.28 12.77 14.80
CA LEU B 249 -10.46 13.17 15.92
C LEU B 249 -10.97 12.34 17.08
N LEU B 250 -10.18 11.34 17.48
CA LEU B 250 -10.56 10.48 18.58
C LEU B 250 -10.07 11.07 19.88
N LYS B 251 -11.00 11.41 20.75
CA LYS B 251 -10.69 12.02 22.04
C LYS B 251 -11.75 11.62 23.05
N GLU B 252 -11.31 11.07 24.18
CA GLU B 252 -12.24 10.65 25.23
C GLU B 252 -13.26 9.67 24.66
N GLY B 253 -12.82 8.85 23.70
CA GLY B 253 -13.70 7.88 23.08
C GLY B 253 -14.86 8.52 22.34
N GLN B 254 -14.61 9.70 21.76
CA GLN B 254 -15.65 10.41 21.02
C GLN B 254 -15.42 10.37 19.51
N ARG B 255 -16.51 10.32 18.76
CA ARG B 255 -16.47 10.26 17.30
C ARG B 255 -16.05 8.87 16.83
#